data_9BOU
#
_entry.id   9BOU
#
_cell.length_a   222.040
_cell.length_b   222.040
_cell.length_c   87.007
_cell.angle_alpha   90.000
_cell.angle_beta   90.000
_cell.angle_gamma   90.000
#
_symmetry.space_group_name_H-M   'I 4 2 2'
#
loop_
_entity.id
_entity.type
_entity.pdbx_description
1 polymer 'MvdD-like pre-ATP grasp domain-containing protein'
2 non-polymer 'SULFATE ION'
3 water water
#
_entity_poly.entity_id   1
_entity_poly.type   'polypeptide(L)'
_entity_poly.pdbx_seq_one_letter_code
;MTVLILTSEEDVTADMVVVHLNASGVPVVRLDPADLTDSVALSGEFAHGSFRGHLSSGGRLVSIGGLRSVWVRRPGGAAT
RAAEPSAWLTEEAGQALYGMLRGSGARWMNQPDAAHRARYKPWQLRLAQRCGLPVPATLITTFPRAAREFAERYPDLVVK
PVSGAHPQDPPLAVPTSRVPPEADFSAVAHGPTLLQRRVAKRADIRLTAVGEELLAARKTALASLDPDEVDVRFAGSGEP
WRPAEVPPRVAEGVRAYLRAAGLAYGALDFAEDGDGTWWFLECNQSGQFGFVEVDTGQPIARTIAEWLARPGAADAVEPG
GPDAAAVGAAALEHHHHHH
;
_entity_poly.pdbx_strand_id   A,B
#
loop_
_chem_comp.id
_chem_comp.type
_chem_comp.name
_chem_comp.formula
SO4 non-polymer 'SULFATE ION' 'O4 S -2'
#
# COMPACT_ATOMS: atom_id res chain seq x y z
N THR A 2 4.91 20.04 15.49
CA THR A 2 3.59 19.57 15.89
C THR A 2 3.41 18.09 15.53
N VAL A 3 2.90 17.35 16.44
CA VAL A 3 2.66 15.92 16.24
C VAL A 3 1.21 15.78 15.83
N LEU A 4 0.93 14.86 14.89
CA LEU A 4 -0.41 14.69 14.36
C LEU A 4 -0.83 13.26 14.60
N ILE A 5 -1.78 13.07 15.52
CA ILE A 5 -2.34 11.74 15.79
C ILE A 5 -3.68 11.65 15.06
N LEU A 6 -3.95 10.48 14.53
CA LEU A 6 -5.11 10.25 13.67
C LEU A 6 -5.76 9.03 14.28
N THR A 7 -6.80 9.21 15.07
CA THR A 7 -7.42 8.08 15.76
C THR A 7 -8.86 8.45 16.11
N SER A 8 -9.58 7.46 16.61
CA SER A 8 -10.90 7.74 17.14
C SER A 8 -10.82 8.44 18.49
N GLU A 9 -11.90 9.16 18.84
CA GLU A 9 -12.00 9.74 20.18
C GLU A 9 -11.84 8.69 21.27
N GLU A 10 -12.26 7.46 20.96
CA GLU A 10 -12.26 6.37 21.91
C GLU A 10 -10.84 5.96 22.29
N ASP A 11 -9.87 6.05 21.39
CA ASP A 11 -8.64 5.31 21.56
C ASP A 11 -7.95 5.48 22.92
N VAL A 12 -7.91 4.41 23.70
CA VAL A 12 -7.29 4.43 25.03
C VAL A 12 -5.78 4.60 24.89
N THR A 13 -5.15 3.63 24.21
CA THR A 13 -3.71 3.54 24.00
C THR A 13 -3.11 4.83 23.47
N ALA A 14 -3.90 5.65 22.80
CA ALA A 14 -3.42 6.94 22.29
C ALA A 14 -3.40 8.02 23.37
N ASP A 15 -4.51 8.13 24.12
CA ASP A 15 -4.55 9.02 25.28
C ASP A 15 -3.27 8.87 26.12
N MET A 16 -2.93 7.62 26.48
CA MET A 16 -1.69 7.26 27.18
C MET A 16 -0.53 8.10 26.65
N VAL A 17 -0.48 8.29 25.33
CA VAL A 17 0.65 8.97 24.73
C VAL A 17 0.45 10.48 24.63
N VAL A 18 -0.79 10.97 24.53
CA VAL A 18 -0.97 12.41 24.45
C VAL A 18 -0.57 13.06 25.77
N VAL A 19 -0.58 12.31 26.86
CA VAL A 19 -0.23 12.92 28.13
C VAL A 19 1.27 13.14 28.21
N HIS A 20 2.04 12.08 27.96
CA HIS A 20 3.49 12.22 27.87
C HIS A 20 3.90 13.36 26.93
N LEU A 21 3.29 13.42 25.73
CA LEU A 21 3.59 14.53 24.86
C LEU A 21 3.27 15.86 25.54
N ASN A 22 2.06 15.98 26.09
CA ASN A 22 1.67 17.23 26.73
C ASN A 22 2.62 17.59 27.87
N ALA A 23 3.04 16.58 28.64
CA ALA A 23 4.03 16.79 29.69
C ALA A 23 5.25 17.50 29.14
N SER A 24 5.83 16.95 28.08
CA SER A 24 7.07 17.45 27.49
C SER A 24 6.86 18.65 26.61
N GLY A 25 5.68 19.26 26.69
CA GLY A 25 5.43 20.47 25.95
C GLY A 25 5.48 20.35 24.45
N VAL A 26 5.41 19.14 23.90
CA VAL A 26 5.47 18.87 22.47
C VAL A 26 4.08 19.12 21.91
N PRO A 27 3.91 20.13 21.06
CA PRO A 27 2.58 20.47 20.55
C PRO A 27 1.96 19.33 19.74
N VAL A 28 0.83 18.85 20.24
CA VAL A 28 0.10 17.75 19.64
C VAL A 28 -1.19 18.28 19.05
N VAL A 29 -1.71 17.55 18.05
CA VAL A 29 -3.06 17.76 17.54
C VAL A 29 -3.62 16.39 17.19
N ARG A 30 -4.68 15.97 17.91
CA ARG A 30 -5.29 14.65 17.72
C ARG A 30 -6.65 14.84 17.03
N LEU A 31 -7.07 13.85 16.25
CA LEU A 31 -8.38 13.98 15.62
C LEU A 31 -8.73 12.70 14.85
N ASP A 32 -10.06 12.50 14.69
CA ASP A 32 -10.46 11.37 13.84
C ASP A 32 -10.67 11.88 12.42
N PRO A 33 -10.14 11.19 11.40
CA PRO A 33 -10.49 11.56 10.01
C PRO A 33 -11.98 11.45 9.70
N ALA A 34 -12.72 10.64 10.48
CA ALA A 34 -14.17 10.56 10.30
C ALA A 34 -14.86 11.88 10.62
N ASP A 35 -14.20 12.79 11.30
CA ASP A 35 -14.81 14.07 11.56
C ASP A 35 -14.49 15.10 10.49
N LEU A 36 -14.14 14.69 9.28
CA LEU A 36 -13.87 15.66 8.22
C LEU A 36 -15.18 16.21 7.67
N THR A 37 -15.15 17.47 7.28
CA THR A 37 -16.35 18.15 6.79
C THR A 37 -17.36 18.36 7.90
N ASP A 38 -16.88 18.42 9.13
CA ASP A 38 -17.68 18.61 10.32
C ASP A 38 -16.76 19.36 11.29
N SER A 39 -16.17 18.62 12.24
CA SER A 39 -15.19 19.14 13.20
C SER A 39 -13.82 19.42 12.58
N VAL A 40 -13.47 18.78 11.46
CA VAL A 40 -12.12 18.77 10.90
C VAL A 40 -12.20 19.30 9.47
N ALA A 41 -11.23 20.12 9.06
CA ALA A 41 -11.24 20.62 7.70
C ALA A 41 -9.83 20.99 7.29
N LEU A 42 -9.63 21.17 5.99
CA LEU A 42 -8.29 21.27 5.44
C LEU A 42 -8.25 22.16 4.21
N SER A 43 -7.04 22.59 3.84
CA SER A 43 -6.80 23.38 2.63
C SER A 43 -5.32 23.23 2.27
N GLY A 44 -5.04 22.96 1.01
CA GLY A 44 -3.68 22.95 0.52
C GLY A 44 -3.63 23.59 -0.85
N GLU A 45 -2.62 24.42 -1.06
CA GLU A 45 -2.41 25.12 -2.31
C GLU A 45 -1.09 24.69 -2.94
N PHE A 46 -1.15 24.30 -4.21
CA PHE A 46 0.00 23.90 -5.00
C PHE A 46 0.18 25.03 -6.01
N ALA A 47 1.17 25.88 -5.81
CA ALA A 47 1.37 26.97 -6.77
C ALA A 47 2.82 27.38 -6.79
N HIS A 48 3.32 27.66 -8.00
CA HIS A 48 4.65 28.23 -8.18
C HIS A 48 5.74 27.32 -7.64
N GLY A 49 5.52 26.01 -7.80
CA GLY A 49 6.51 25.01 -7.52
C GLY A 49 6.59 24.58 -6.09
N SER A 50 5.63 24.99 -5.26
CA SER A 50 5.64 24.62 -3.86
C SER A 50 4.21 24.46 -3.38
N PHE A 51 4.08 24.01 -2.13
CA PHE A 51 2.85 23.60 -1.52
C PHE A 51 2.76 24.32 -0.18
N ARG A 52 1.59 24.84 0.13
CA ARG A 52 1.30 25.43 1.44
C ARG A 52 -0.10 24.93 1.81
N GLY A 53 -0.23 24.27 2.96
CA GLY A 53 -1.54 23.78 3.38
C GLY A 53 -1.68 23.78 4.88
N HIS A 54 -2.92 23.55 5.35
CA HIS A 54 -3.26 23.68 6.77
C HIS A 54 -4.34 22.69 7.21
N LEU A 55 -4.36 22.39 8.51
CA LEU A 55 -5.37 21.53 9.12
C LEU A 55 -6.06 22.24 10.28
N SER A 56 -7.36 21.98 10.46
CA SER A 56 -8.17 22.66 11.48
C SER A 56 -9.06 21.63 12.16
N SER A 57 -8.85 21.43 13.48
CA SER A 57 -9.74 20.63 14.31
C SER A 57 -10.15 21.52 15.47
N GLY A 58 -11.42 21.48 15.82
CA GLY A 58 -11.97 22.57 16.61
C GLY A 58 -11.52 23.85 15.97
N GLY A 59 -10.84 24.69 16.75
CA GLY A 59 -10.31 25.94 16.26
C GLY A 59 -8.82 25.83 16.04
N ARG A 60 -8.22 24.82 16.66
CA ARG A 60 -6.81 24.50 16.44
C ARG A 60 -6.48 24.49 14.94
N LEU A 61 -5.33 25.07 14.59
CA LEU A 61 -4.93 25.22 13.20
C LEU A 61 -3.41 25.11 13.09
N VAL A 62 -2.93 24.17 12.26
CA VAL A 62 -1.50 23.90 12.13
C VAL A 62 -1.13 23.82 10.66
N SER A 63 0.11 24.17 10.36
CA SER A 63 0.63 24.04 9.01
C SER A 63 1.01 22.59 8.76
N ILE A 64 0.69 22.11 7.54
CA ILE A 64 1.10 20.77 7.13
C ILE A 64 2.61 20.71 6.91
N GLY A 65 3.19 21.79 6.41
CA GLY A 65 4.64 21.87 6.43
C GLY A 65 5.18 21.73 7.83
N GLY A 66 4.37 22.14 8.83
CA GLY A 66 4.75 22.20 10.23
C GLY A 66 4.63 20.89 10.98
N LEU A 67 4.16 19.85 10.34
CA LEU A 67 4.06 18.57 11.01
C LEU A 67 5.44 17.95 11.07
N ARG A 68 5.78 17.46 12.26
CA ARG A 68 6.97 16.66 12.50
C ARG A 68 6.70 15.16 12.48
N SER A 69 5.49 14.70 12.79
CA SER A 69 5.17 13.29 12.61
C SER A 69 3.67 13.04 12.52
N VAL A 70 3.31 11.87 12.00
CA VAL A 70 1.91 11.44 11.98
C VAL A 70 1.84 10.05 12.57
N TRP A 71 1.26 9.96 13.77
CA TRP A 71 0.86 8.68 14.35
C TRP A 71 -0.50 8.26 13.78
N VAL A 72 -0.54 7.10 13.10
CA VAL A 72 -1.77 6.54 12.57
C VAL A 72 -2.18 5.39 13.46
N ARG A 73 -3.22 5.62 14.29
CA ARG A 73 -3.67 4.74 15.37
C ARG A 73 -5.18 4.55 15.26
N ARG A 74 -5.62 3.55 14.45
CA ARG A 74 -7.10 3.21 14.46
C ARG A 74 -8.04 4.40 14.18
N PRO A 75 -7.86 5.09 13.06
CA PRO A 75 -8.76 6.18 12.68
C PRO A 75 -9.99 5.73 11.90
N GLY A 76 -10.88 6.69 11.71
CA GLY A 76 -12.10 6.45 10.97
C GLY A 76 -11.92 6.61 9.47
N GLY A 77 -12.81 5.94 8.72
CA GLY A 77 -13.00 6.30 7.34
C GLY A 77 -13.31 7.78 7.22
N ALA A 78 -12.62 8.48 6.33
CA ALA A 78 -12.76 9.93 6.27
C ALA A 78 -14.21 10.34 6.04
N ALA A 79 -14.66 11.36 6.76
CA ALA A 79 -15.98 11.91 6.52
C ALA A 79 -17.04 10.80 6.53
N THR A 80 -16.78 9.76 7.34
CA THR A 80 -17.82 8.78 7.63
C THR A 80 -18.77 9.32 8.69
N ARG A 81 -18.26 9.98 9.72
CA ARG A 81 -19.05 10.77 10.65
C ARG A 81 -19.26 12.20 10.15
N ALA A 82 -19.28 12.39 8.82
CA ALA A 82 -19.71 13.65 8.22
C ALA A 82 -21.22 13.73 8.34
N ALA A 83 -21.74 14.96 8.30
CA ALA A 83 -23.19 15.14 8.43
C ALA A 83 -23.93 14.24 7.43
N GLU A 84 -23.49 14.24 6.17
CA GLU A 84 -24.11 13.45 5.12
C GLU A 84 -23.06 12.50 4.52
N PRO A 85 -22.85 11.34 5.15
CA PRO A 85 -21.80 10.44 4.65
C PRO A 85 -22.10 9.90 3.26
N SER A 86 -21.04 9.54 2.54
CA SER A 86 -21.12 9.06 1.16
C SER A 86 -19.83 8.31 0.83
N ALA A 87 -19.94 7.19 0.11
CA ALA A 87 -18.72 6.48 -0.29
C ALA A 87 -17.84 7.39 -1.12
N TRP A 88 -18.44 7.98 -2.14
CA TRP A 88 -17.73 8.93 -2.98
C TRP A 88 -17.06 10.03 -2.15
N LEU A 89 -17.73 10.50 -1.08
CA LEU A 89 -17.13 11.60 -0.32
C LEU A 89 -15.99 11.13 0.57
N THR A 90 -16.06 9.90 1.12
CA THR A 90 -14.95 9.51 1.96
C THR A 90 -13.77 9.14 1.09
N GLU A 91 -14.03 8.79 -0.18
CA GLU A 91 -12.96 8.62 -1.15
C GLU A 91 -12.28 9.94 -1.44
N GLU A 92 -13.07 10.99 -1.63
CA GLU A 92 -12.46 12.27 -1.99
C GLU A 92 -11.82 12.94 -0.79
N ALA A 93 -12.33 12.69 0.40
CA ALA A 93 -11.65 13.17 1.59
C ALA A 93 -10.39 12.34 1.83
N GLY A 94 -10.52 11.02 1.81
CA GLY A 94 -9.37 10.13 1.89
C GLY A 94 -8.16 10.62 1.10
N GLN A 95 -8.36 10.91 -0.17
CA GLN A 95 -7.26 11.42 -0.98
C GLN A 95 -6.81 12.80 -0.53
N ALA A 96 -7.76 13.70 -0.28
CA ALA A 96 -7.38 15.05 0.16
C ALA A 96 -6.50 15.03 1.41
N LEU A 97 -6.80 14.18 2.39
CA LEU A 97 -6.04 14.22 3.62
C LEU A 97 -4.76 13.40 3.51
N TYR A 98 -4.86 12.11 3.18
CA TYR A 98 -3.68 11.26 3.11
C TYR A 98 -2.82 11.50 1.88
N GLY A 99 -3.28 12.33 0.95
CA GLY A 99 -2.46 12.64 -0.19
C GLY A 99 -1.59 13.86 0.03
N MET A 100 -2.11 14.84 0.79
CA MET A 100 -1.28 15.99 1.13
C MET A 100 -0.28 15.70 2.24
N LEU A 101 -0.52 14.64 3.00
CA LEU A 101 0.39 14.28 4.07
C LEU A 101 1.60 13.57 3.49
N ARG A 102 1.38 12.75 2.46
CA ARG A 102 2.50 12.22 1.69
C ARG A 102 3.34 13.37 1.13
N GLY A 103 4.65 13.33 1.37
CA GLY A 103 5.54 14.41 1.01
C GLY A 103 5.42 15.67 1.85
N SER A 104 4.58 15.65 2.88
CA SER A 104 4.43 16.79 3.75
C SER A 104 5.72 17.15 4.49
N GLY A 105 6.49 16.14 4.90
CA GLY A 105 7.76 16.40 5.55
C GLY A 105 7.86 15.75 6.92
N ALA A 106 6.92 14.88 7.17
CA ALA A 106 6.63 14.40 8.51
C ALA A 106 6.97 12.93 8.65
N ARG A 107 7.45 12.53 9.83
CA ARG A 107 7.84 11.15 10.05
C ARG A 107 6.59 10.33 10.39
N TRP A 108 6.22 9.42 9.51
CA TRP A 108 5.01 8.64 9.71
C TRP A 108 5.33 7.52 10.68
N MET A 109 4.53 7.39 11.76
CA MET A 109 4.51 6.15 12.54
C MET A 109 3.62 5.16 11.77
N ASN A 110 4.32 4.25 11.08
CA ASN A 110 3.93 3.54 9.85
C ASN A 110 3.42 4.50 8.79
N GLN A 111 4.35 4.81 7.87
CA GLN A 111 4.04 5.27 6.51
C GLN A 111 2.95 4.38 5.91
N PRO A 112 1.96 4.98 5.27
CA PRO A 112 0.77 4.19 4.87
C PRO A 112 1.05 3.15 3.80
N ASP A 113 2.07 3.34 2.99
CA ASP A 113 2.45 2.42 1.93
C ASP A 113 3.33 1.29 2.45
N ALA A 114 4.27 1.58 3.34
CA ALA A 114 4.92 0.52 4.08
C ALA A 114 3.88 -0.40 4.70
N ALA A 115 2.95 0.22 5.43
CA ALA A 115 1.87 -0.48 6.11
C ALA A 115 1.08 -1.39 5.20
N HIS A 116 0.78 -0.92 4.00
CA HIS A 116 0.04 -1.75 3.05
C HIS A 116 0.83 -2.99 2.67
N ARG A 117 2.08 -2.83 2.34
CA ARG A 117 2.90 -3.98 2.03
C ARG A 117 3.05 -4.87 3.26
N ALA A 118 3.01 -4.31 4.44
CA ALA A 118 3.36 -5.09 5.61
C ALA A 118 2.24 -5.99 6.07
N ARG A 119 1.01 -5.76 5.62
CA ARG A 119 -0.11 -6.61 6.03
C ARG A 119 -0.08 -7.94 5.33
N TYR A 120 0.76 -8.11 4.34
CA TYR A 120 0.78 -9.31 3.52
C TYR A 120 1.58 -10.37 4.24
N LYS A 121 0.88 -11.16 5.04
CA LYS A 121 1.51 -12.16 5.90
C LYS A 121 2.46 -13.11 5.16
N PRO A 122 2.17 -13.61 3.95
CA PRO A 122 3.21 -14.42 3.28
C PRO A 122 4.48 -13.62 3.00
N TRP A 123 4.37 -12.32 2.72
CA TRP A 123 5.57 -11.51 2.56
C TRP A 123 6.32 -11.43 3.88
N GLN A 124 5.59 -11.24 5.00
CA GLN A 124 6.24 -11.08 6.30
C GLN A 124 7.12 -12.29 6.61
N LEU A 125 6.70 -13.48 6.19
CA LEU A 125 7.49 -14.68 6.44
C LEU A 125 8.78 -14.67 5.62
N ARG A 126 8.65 -14.54 4.30
CA ARG A 126 9.80 -14.38 3.42
C ARG A 126 10.80 -13.39 4.01
N LEU A 127 10.31 -12.23 4.50
CA LEU A 127 11.22 -11.17 4.90
C LEU A 127 11.94 -11.54 6.19
N ALA A 128 11.24 -12.15 7.13
CA ALA A 128 11.87 -12.55 8.39
C ALA A 128 12.88 -13.67 8.14
N GLN A 129 12.52 -14.60 7.27
CA GLN A 129 13.50 -15.54 6.75
C GLN A 129 14.77 -14.82 6.30
N ARG A 130 14.62 -13.79 5.46
CA ARG A 130 15.77 -13.09 4.91
C ARG A 130 16.57 -12.39 5.99
N CYS A 131 15.91 -12.01 7.09
CA CYS A 131 16.53 -11.25 8.16
C CYS A 131 17.15 -12.16 9.23
N GLY A 132 17.14 -13.47 8.99
CA GLY A 132 17.72 -14.42 9.90
C GLY A 132 16.81 -14.94 10.99
N LEU A 133 15.68 -14.29 11.25
CA LEU A 133 14.73 -14.80 12.23
C LEU A 133 14.27 -16.20 11.84
N PRO A 134 14.18 -17.13 12.78
CA PRO A 134 13.70 -18.47 12.42
C PRO A 134 12.23 -18.45 12.03
N VAL A 135 11.85 -19.42 11.21
CA VAL A 135 10.46 -19.53 10.80
C VAL A 135 10.04 -20.99 10.68
N PRO A 136 8.92 -21.37 11.31
CA PRO A 136 8.49 -22.76 11.25
C PRO A 136 8.10 -23.12 9.83
N ALA A 137 8.42 -24.36 9.45
CA ALA A 137 7.98 -24.84 8.15
C ALA A 137 6.54 -24.42 7.91
N THR A 138 6.28 -23.85 6.73
CA THR A 138 4.96 -23.34 6.39
C THR A 138 4.60 -23.63 4.94
N LEU A 139 3.39 -24.16 4.72
CA LEU A 139 2.85 -24.35 3.38
C LEU A 139 1.62 -23.46 3.23
N ILE A 140 1.50 -22.75 2.10
CA ILE A 140 0.27 -22.05 1.73
C ILE A 140 -0.21 -22.66 0.44
N THR A 141 -1.46 -23.13 0.42
CA THR A 141 -1.84 -24.01 -0.69
C THR A 141 -3.34 -24.11 -0.92
N THR A 142 -3.70 -24.46 -2.16
CA THR A 142 -5.01 -25.03 -2.53
C THR A 142 -4.80 -26.36 -3.24
N PHE A 143 -3.84 -27.14 -2.75
CA PHE A 143 -3.43 -28.39 -3.36
C PHE A 143 -3.56 -29.53 -2.36
N PRO A 144 -4.69 -30.26 -2.35
CA PRO A 144 -4.81 -31.40 -1.43
C PRO A 144 -3.55 -32.23 -1.37
N ARG A 145 -3.03 -32.62 -2.53
CA ARG A 145 -1.81 -33.43 -2.58
C ARG A 145 -0.70 -32.82 -1.73
N ALA A 146 -0.45 -31.52 -1.89
CA ALA A 146 0.68 -30.88 -1.21
C ALA A 146 0.44 -30.81 0.29
N ALA A 147 -0.75 -30.36 0.71
CA ALA A 147 -1.12 -30.45 2.10
C ALA A 147 -0.87 -31.88 2.63
N ARG A 148 -1.28 -32.91 1.90
CA ARG A 148 -1.14 -34.24 2.47
C ARG A 148 0.32 -34.66 2.53
N GLU A 149 1.15 -34.27 1.55
CA GLU A 149 2.58 -34.56 1.69
C GLU A 149 3.17 -33.75 2.83
N PHE A 150 2.74 -32.48 2.98
CA PHE A 150 3.29 -31.63 4.03
C PHE A 150 3.03 -32.22 5.41
N ALA A 151 1.80 -32.69 5.66
CA ALA A 151 1.48 -33.34 6.94
C ALA A 151 2.33 -34.59 7.18
N GLU A 152 2.43 -35.47 6.17
CA GLU A 152 3.42 -36.53 6.16
C GLU A 152 4.77 -36.06 6.72
N ARG A 153 5.41 -35.05 6.11
CA ARG A 153 6.72 -34.60 6.57
C ARG A 153 6.65 -34.10 8.01
N TYR A 154 5.60 -33.32 8.35
CA TYR A 154 5.42 -32.63 9.63
C TYR A 154 4.01 -32.95 10.13
N PRO A 155 3.82 -34.04 10.88
CA PRO A 155 2.45 -34.41 11.34
C PRO A 155 1.86 -33.60 12.51
N ASP A 156 2.67 -32.78 13.19
CA ASP A 156 2.20 -31.88 14.23
C ASP A 156 2.03 -30.49 13.63
N LEU A 157 0.84 -30.19 13.12
CA LEU A 157 0.62 -28.95 12.42
C LEU A 157 -0.44 -28.10 13.09
N VAL A 158 -0.34 -26.78 12.86
CA VAL A 158 -1.42 -25.85 13.17
C VAL A 158 -1.93 -25.29 11.86
N VAL A 159 -3.02 -24.53 11.94
CA VAL A 159 -3.66 -24.03 10.72
C VAL A 159 -4.07 -22.60 10.95
N LYS A 160 -3.14 -21.68 10.78
CA LYS A 160 -3.43 -20.26 10.88
C LYS A 160 -4.18 -19.86 9.63
N PRO A 161 -4.88 -18.72 9.65
CA PRO A 161 -5.42 -18.16 8.40
C PRO A 161 -4.31 -17.45 7.65
N VAL A 162 -4.41 -17.52 6.31
CA VAL A 162 -3.38 -16.90 5.47
C VAL A 162 -3.24 -15.41 5.81
N SER A 163 -4.35 -14.69 5.91
CA SER A 163 -4.24 -13.24 5.90
C SER A 163 -3.62 -12.70 7.18
N GLY A 164 -2.98 -11.52 7.05
CA GLY A 164 -2.33 -10.82 8.16
C GLY A 164 -2.77 -9.37 8.32
N ALA A 165 -4.06 -9.12 8.07
CA ALA A 165 -4.66 -7.80 8.19
C ALA A 165 -5.82 -7.80 9.20
N THR A 176 -6.62 -19.80 15.19
CA THR A 176 -5.69 -20.89 14.90
C THR A 176 -6.28 -22.18 15.38
N SER A 177 -5.81 -23.30 14.83
CA SER A 177 -6.30 -24.63 15.18
C SER A 177 -5.19 -25.65 14.93
N ARG A 178 -5.40 -26.85 15.46
CA ARG A 178 -4.51 -27.97 15.23
C ARG A 178 -5.13 -28.94 14.23
N VAL A 179 -4.31 -29.80 13.65
CA VAL A 179 -4.73 -30.69 12.56
C VAL A 179 -4.95 -32.09 13.11
N PRO A 180 -6.09 -32.71 12.84
CA PRO A 180 -6.22 -34.15 13.07
C PRO A 180 -4.97 -34.90 12.62
N PRO A 181 -4.61 -35.96 13.34
CA PRO A 181 -3.50 -36.81 12.87
C PRO A 181 -3.85 -37.66 11.66
N GLU A 182 -5.10 -37.64 11.20
CA GLU A 182 -5.50 -38.23 9.92
C GLU A 182 -6.66 -37.38 9.38
N ALA A 183 -6.31 -36.33 8.65
CA ALA A 183 -7.28 -35.40 8.08
C ALA A 183 -7.21 -35.41 6.56
N ASP A 184 -8.37 -35.23 5.93
CA ASP A 184 -8.46 -35.22 4.47
C ASP A 184 -8.34 -33.78 4.03
N PHE A 185 -7.23 -33.46 3.40
CA PHE A 185 -6.93 -32.07 3.09
C PHE A 185 -7.61 -31.57 1.82
N SER A 186 -8.78 -32.12 1.52
CA SER A 186 -9.38 -31.93 0.22
C SER A 186 -10.02 -30.56 0.04
N ALA A 187 -10.32 -29.84 1.12
CA ALA A 187 -11.01 -28.57 0.96
C ALA A 187 -10.06 -27.39 0.85
N VAL A 188 -8.75 -27.64 0.83
CA VAL A 188 -7.81 -26.61 0.41
C VAL A 188 -8.08 -26.22 -1.05
N ALA A 189 -8.55 -27.16 -1.86
CA ALA A 189 -8.91 -26.83 -3.22
C ALA A 189 -9.95 -25.71 -3.30
N HIS A 190 -10.67 -25.47 -2.22
CA HIS A 190 -11.72 -24.46 -2.25
C HIS A 190 -11.37 -23.22 -1.44
N GLY A 191 -10.16 -23.15 -0.88
CA GLY A 191 -9.77 -22.03 -0.09
C GLY A 191 -8.31 -22.13 0.35
N PRO A 192 -7.53 -21.11 0.02
CA PRO A 192 -6.12 -21.11 0.42
C PRO A 192 -5.96 -21.43 1.91
N THR A 193 -4.96 -22.20 2.23
CA THR A 193 -4.81 -22.71 3.58
C THR A 193 -3.36 -22.56 3.98
N LEU A 194 -3.14 -22.21 5.22
CA LEU A 194 -1.79 -22.12 5.77
C LEU A 194 -1.59 -23.18 6.85
N LEU A 195 -0.73 -24.15 6.56
CA LEU A 195 -0.34 -25.21 7.48
C LEU A 195 1.07 -24.96 8.01
N GLN A 196 1.21 -24.96 9.33
CA GLN A 196 2.49 -24.66 9.97
C GLN A 196 2.86 -25.77 10.95
N ARG A 197 4.13 -26.17 10.96
CA ARG A 197 4.62 -27.08 11.99
C ARG A 197 4.53 -26.36 13.35
N ARG A 198 3.99 -27.05 14.34
CA ARG A 198 3.79 -26.42 15.63
C ARG A 198 5.09 -26.38 16.43
N VAL A 199 5.30 -25.27 17.14
CA VAL A 199 6.47 -25.04 17.99
C VAL A 199 6.17 -25.62 19.38
N ALA A 200 7.21 -26.18 20.04
CA ALA A 200 7.12 -26.58 21.46
C ALA A 200 6.36 -25.54 22.26
N LYS A 201 6.95 -24.37 22.41
CA LYS A 201 6.28 -23.17 22.93
C LYS A 201 6.23 -23.20 24.46
N ARG A 202 7.41 -23.23 25.07
CA ARG A 202 7.55 -22.85 26.47
C ARG A 202 6.83 -21.54 26.76
N ALA A 203 7.10 -20.50 25.97
CA ALA A 203 6.51 -19.20 26.26
C ALA A 203 5.94 -18.58 24.99
N ASP A 204 5.25 -17.48 25.19
CA ASP A 204 4.79 -16.59 24.14
C ASP A 204 5.58 -15.30 24.26
N ILE A 205 6.09 -14.78 23.13
CA ILE A 205 6.83 -13.54 23.15
C ILE A 205 6.05 -12.49 22.40
N ARG A 206 5.96 -11.28 22.98
CA ARG A 206 5.41 -10.13 22.28
C ARG A 206 6.50 -9.06 22.27
N LEU A 207 7.12 -8.88 21.12
CA LEU A 207 8.10 -7.82 20.93
C LEU A 207 7.43 -6.59 20.35
N THR A 208 7.43 -5.51 21.09
CA THR A 208 6.98 -4.24 20.56
C THR A 208 8.21 -3.42 20.18
N ALA A 209 8.21 -2.89 18.94
CA ALA A 209 9.36 -2.23 18.35
C ALA A 209 9.00 -0.78 18.11
N VAL A 210 9.70 0.14 18.78
CA VAL A 210 9.47 1.57 18.64
C VAL A 210 10.81 2.17 18.21
N GLY A 211 10.81 2.81 17.03
CA GLY A 211 12.03 2.95 16.25
C GLY A 211 12.92 1.71 16.32
N GLU A 212 14.21 1.87 16.65
CA GLU A 212 15.12 0.74 16.84
C GLU A 212 15.10 0.19 18.28
N GLU A 213 14.23 0.70 19.14
CA GLU A 213 14.09 0.20 20.51
C GLU A 213 13.13 -0.99 20.56
N LEU A 214 13.57 -2.07 21.19
CA LEU A 214 12.78 -3.30 21.29
C LEU A 214 12.41 -3.55 22.75
N LEU A 215 11.12 -3.60 23.03
CA LEU A 215 10.56 -3.92 24.36
C LEU A 215 9.80 -5.24 24.24
N ALA A 216 10.45 -6.32 24.66
CA ALA A 216 9.91 -7.67 24.59
C ALA A 216 9.31 -8.07 25.92
N ALA A 217 8.44 -9.08 25.90
CA ALA A 217 7.69 -9.52 27.06
C ALA A 217 7.33 -10.99 26.88
N ARG A 218 7.42 -11.77 27.96
CA ARG A 218 7.17 -13.20 27.94
C ARG A 218 5.95 -13.57 28.80
N LYS A 219 5.26 -14.64 28.37
CA LYS A 219 4.09 -15.16 29.07
C LYS A 219 4.12 -16.67 28.96
N THR A 220 4.38 -17.36 30.06
CA THR A 220 4.50 -18.81 30.03
C THR A 220 3.24 -19.45 29.43
N ALA A 221 3.35 -20.74 29.08
CA ALA A 221 2.29 -21.43 28.32
C ALA A 221 1.79 -22.70 28.98
N LEU A 222 2.69 -23.57 29.46
CA LEU A 222 2.36 -24.82 30.17
C LEU A 222 3.65 -25.54 30.56
N ASP A 231 -3.94 -28.26 38.11
CA ASP A 231 -3.34 -26.94 38.27
C ASP A 231 -3.65 -25.94 37.15
N VAL A 232 -3.62 -26.47 35.92
CA VAL A 232 -3.75 -25.64 34.73
C VAL A 232 -5.10 -24.92 34.70
N ARG A 233 -6.13 -25.54 35.28
CA ARG A 233 -7.51 -25.34 34.88
C ARG A 233 -8.22 -24.29 35.74
N PHE A 234 -8.31 -24.51 37.06
CA PHE A 234 -8.97 -23.54 37.92
C PHE A 234 -8.08 -22.33 38.25
N ALA A 235 -6.85 -22.27 37.77
CA ALA A 235 -6.17 -20.97 37.78
C ALA A 235 -7.15 -19.93 37.24
N GLY A 236 -7.30 -18.83 37.96
CA GLY A 236 -8.21 -17.75 37.59
C GLY A 236 -7.49 -16.67 36.82
N SER A 237 -7.18 -17.03 35.56
CA SER A 237 -6.37 -16.28 34.61
C SER A 237 -5.35 -15.34 35.25
N GLY A 238 -4.30 -15.91 35.81
CA GLY A 238 -3.37 -15.13 36.60
C GLY A 238 -1.91 -15.42 36.28
N GLU A 239 -1.61 -15.67 35.00
CA GLU A 239 -0.23 -15.77 34.48
C GLU A 239 0.03 -14.54 33.63
N PRO A 240 0.79 -13.56 34.10
CA PRO A 240 0.92 -12.31 33.34
C PRO A 240 2.14 -12.21 32.43
N TRP A 241 2.16 -11.12 31.68
CA TRP A 241 3.32 -10.76 30.88
C TRP A 241 4.44 -10.32 31.83
N ARG A 242 5.67 -10.64 31.48
CA ARG A 242 6.82 -10.32 32.29
C ARG A 242 7.90 -9.82 31.37
N PRO A 243 8.63 -8.78 31.74
CA PRO A 243 9.67 -8.25 30.83
C PRO A 243 10.61 -9.36 30.34
N ALA A 244 10.97 -9.27 29.05
CA ALA A 244 11.86 -10.25 28.42
C ALA A 244 13.04 -9.57 27.72
N GLU A 245 14.15 -10.27 27.70
CA GLU A 245 15.42 -9.81 27.18
C GLU A 245 15.61 -10.35 25.76
N VAL A 246 15.90 -9.47 24.80
CA VAL A 246 15.88 -9.88 23.39
C VAL A 246 17.23 -10.48 23.02
N PRO A 247 17.28 -11.78 22.68
CA PRO A 247 18.56 -12.37 22.23
C PRO A 247 19.25 -11.46 21.22
N PRO A 248 20.54 -11.16 21.40
CA PRO A 248 21.12 -10.06 20.61
C PRO A 248 20.93 -10.23 19.10
N ARG A 249 21.15 -11.44 18.61
CA ARG A 249 20.93 -11.78 17.21
C ARG A 249 19.48 -11.73 16.75
N VAL A 250 18.51 -11.87 17.65
CA VAL A 250 17.14 -11.60 17.25
C VAL A 250 16.97 -10.10 17.04
N ALA A 251 17.42 -9.29 18.01
CA ALA A 251 17.29 -7.85 17.85
C ALA A 251 17.92 -7.37 16.55
N GLU A 252 18.93 -8.06 16.04
CA GLU A 252 19.53 -7.66 14.78
C GLU A 252 18.55 -7.94 13.65
N GLY A 253 18.01 -9.16 13.58
CA GLY A 253 17.01 -9.46 12.57
C GLY A 253 15.75 -8.62 12.69
N VAL A 254 15.32 -8.33 13.92
CA VAL A 254 14.08 -7.56 14.05
C VAL A 254 14.30 -6.13 13.59
N ARG A 255 15.44 -5.53 13.97
CA ARG A 255 15.72 -4.17 13.53
C ARG A 255 15.88 -4.14 12.02
N ALA A 256 16.42 -5.22 11.45
CA ALA A 256 16.55 -5.33 10.01
C ALA A 256 15.19 -5.38 9.33
N TYR A 257 14.36 -6.34 9.70
CA TYR A 257 12.97 -6.39 9.24
C TYR A 257 12.27 -5.03 9.23
N LEU A 258 12.21 -4.32 10.36
CA LEU A 258 11.55 -3.01 10.33
C LEU A 258 12.18 -2.08 9.31
N ARG A 259 13.51 -2.10 9.20
CA ARG A 259 14.19 -1.26 8.22
C ARG A 259 13.77 -1.62 6.79
N ALA A 260 13.68 -2.92 6.49
CA ALA A 260 13.31 -3.30 5.14
C ALA A 260 11.87 -2.93 4.86
N ALA A 261 10.97 -3.19 5.80
CA ALA A 261 9.56 -2.98 5.62
C ALA A 261 9.15 -1.50 5.62
N GLY A 262 10.01 -0.61 6.14
CA GLY A 262 9.65 0.79 6.34
C GLY A 262 8.89 1.15 7.61
N LEU A 263 8.98 0.37 8.68
CA LEU A 263 8.05 0.49 9.77
C LEU A 263 8.72 1.19 10.95
N ALA A 264 8.09 2.28 11.42
CA ALA A 264 8.59 2.91 12.63
C ALA A 264 8.21 2.09 13.85
N TYR A 265 7.11 1.33 13.76
CA TYR A 265 6.49 0.63 14.88
C TYR A 265 5.99 -0.75 14.39
N GLY A 266 6.25 -1.80 15.16
CA GLY A 266 5.76 -3.12 14.84
C GLY A 266 5.57 -3.96 16.09
N ALA A 267 4.56 -4.84 16.06
CA ALA A 267 4.23 -5.72 17.18
C ALA A 267 4.35 -7.17 16.74
N LEU A 268 5.52 -7.74 16.99
CA LEU A 268 5.89 -9.06 16.52
C LEU A 268 5.56 -10.11 17.57
N ASP A 269 5.07 -11.26 17.11
CA ASP A 269 4.73 -12.37 17.99
C ASP A 269 5.75 -13.47 17.76
N PHE A 270 6.44 -13.90 18.81
CA PHE A 270 7.23 -15.12 18.71
C PHE A 270 6.72 -16.25 19.63
N ALA A 271 7.15 -17.47 19.29
CA ALA A 271 7.02 -18.63 20.15
C ALA A 271 8.40 -19.02 20.62
N GLU A 272 8.58 -19.19 21.94
CA GLU A 272 9.84 -19.61 22.51
C GLU A 272 9.95 -21.14 22.46
N ASP A 273 11.15 -21.62 22.16
CA ASP A 273 11.35 -23.01 21.80
C ASP A 273 11.41 -23.91 23.00
N GLY A 274 11.76 -23.36 24.14
CA GLY A 274 12.21 -24.18 25.25
C GLY A 274 13.69 -24.37 25.17
N ASP A 275 14.20 -24.72 23.98
CA ASP A 275 15.61 -24.50 23.74
C ASP A 275 15.98 -23.02 23.82
N GLY A 276 15.00 -22.14 23.87
CA GLY A 276 15.26 -20.73 24.00
C GLY A 276 15.21 -19.95 22.72
N THR A 277 15.07 -20.62 21.57
CA THR A 277 14.97 -19.91 20.31
C THR A 277 13.61 -19.25 20.19
N TRP A 278 13.52 -18.30 19.25
CA TRP A 278 12.39 -17.37 19.15
C TRP A 278 11.86 -17.52 17.75
N TRP A 279 10.86 -18.39 17.57
CA TRP A 279 10.26 -18.61 16.26
C TRP A 279 9.33 -17.45 15.83
N PHE A 280 9.62 -16.87 14.67
CA PHE A 280 8.80 -15.79 14.17
C PHE A 280 7.46 -16.30 13.68
N LEU A 281 6.41 -15.61 14.06
CA LEU A 281 5.05 -15.98 13.67
C LEU A 281 4.38 -14.91 12.82
N GLU A 282 4.45 -13.66 13.22
CA GLU A 282 3.91 -12.60 12.37
C GLU A 282 4.33 -11.28 12.98
N CYS A 283 4.35 -10.25 12.14
CA CYS A 283 4.62 -8.90 12.59
C CYS A 283 3.43 -8.03 12.23
N ASN A 284 2.64 -7.68 13.24
CA ASN A 284 1.47 -6.85 13.05
C ASN A 284 1.87 -5.39 13.25
N GLN A 285 1.86 -4.61 12.16
CA GLN A 285 2.32 -3.23 12.20
C GLN A 285 1.33 -2.31 12.90
N SER A 286 0.08 -2.73 13.03
CA SER A 286 -0.95 -1.93 13.70
C SER A 286 -1.22 -2.43 15.12
N GLY A 287 -0.36 -3.31 15.65
CA GLY A 287 -0.73 -4.11 16.79
C GLY A 287 -0.83 -3.34 18.09
N GLN A 288 -1.58 -3.93 19.01
CA GLN A 288 -1.72 -3.33 20.32
C GLN A 288 -0.46 -3.52 21.16
N PHE A 289 -0.22 -2.55 22.03
CA PHE A 289 0.82 -2.66 23.04
C PHE A 289 0.35 -2.35 24.44
N GLY A 290 -0.80 -1.67 24.62
CA GLY A 290 -1.32 -1.43 25.97
C GLY A 290 -1.31 -2.67 26.88
N PHE A 291 -1.79 -3.80 26.38
CA PHE A 291 -1.94 -4.91 27.29
C PHE A 291 -0.61 -5.36 27.84
N VAL A 292 0.49 -5.04 27.19
CA VAL A 292 1.79 -5.45 27.70
C VAL A 292 2.41 -4.43 28.66
N GLU A 293 2.10 -3.15 28.50
CA GLU A 293 2.62 -2.17 29.45
C GLU A 293 1.88 -2.16 30.79
N VAL A 294 0.60 -2.58 30.85
CA VAL A 294 -0.05 -2.61 32.16
C VAL A 294 0.58 -3.69 33.03
N ASP A 295 1.14 -4.73 32.43
CA ASP A 295 1.58 -5.91 33.16
C ASP A 295 3.04 -5.77 33.59
N THR A 296 3.83 -5.18 32.71
CA THR A 296 5.27 -5.12 32.84
C THR A 296 5.75 -3.71 33.12
N GLY A 297 4.90 -2.71 32.93
CA GLY A 297 5.31 -1.35 33.22
C GLY A 297 6.40 -0.82 32.35
N GLN A 298 6.87 -1.63 31.38
CA GLN A 298 7.73 -1.15 30.31
C GLN A 298 7.11 0.03 29.59
N PRO A 299 7.85 1.17 29.41
CA PRO A 299 7.30 2.45 28.96
C PRO A 299 7.10 2.60 27.45
N ILE A 300 6.38 1.65 26.85
CA ILE A 300 6.18 1.65 25.41
C ILE A 300 5.54 2.96 24.96
N ALA A 301 4.46 3.38 25.62
CA ALA A 301 3.82 4.63 25.24
C ALA A 301 4.78 5.83 25.32
N ARG A 302 5.65 5.86 26.33
CA ARG A 302 6.51 7.04 26.39
C ARG A 302 7.66 6.98 25.39
N THR A 303 8.06 5.76 25.02
CA THR A 303 9.04 5.58 23.94
C THR A 303 8.48 6.04 22.60
N ILE A 304 7.21 5.69 22.33
CA ILE A 304 6.51 6.21 21.17
C ILE A 304 6.49 7.74 21.22
N ALA A 305 6.03 8.28 22.35
CA ALA A 305 5.94 9.74 22.47
C ALA A 305 7.26 10.41 22.10
N GLU A 306 8.37 9.86 22.57
CA GLU A 306 9.64 10.50 22.25
C GLU A 306 9.95 10.38 20.77
N TRP A 307 9.74 9.21 20.20
CA TRP A 307 9.95 9.06 18.77
C TRP A 307 9.17 10.10 18.00
N LEU A 308 7.87 10.24 18.28
CA LEU A 308 7.07 11.22 17.55
C LEU A 308 7.47 12.67 17.86
N ALA A 309 8.10 12.94 19.00
CA ALA A 309 8.45 14.33 19.30
C ALA A 309 9.73 14.80 18.59
N ARG A 310 10.55 13.88 18.08
CA ARG A 310 11.74 14.28 17.35
C ARG A 310 11.39 15.35 16.30
N PRO A 311 12.28 16.28 16.01
CA PRO A 311 12.14 17.11 14.80
C PRO A 311 11.73 16.37 13.51
N GLY A 312 11.13 17.11 12.58
CA GLY A 312 10.62 16.52 11.36
C GLY A 312 11.69 16.44 10.29
N THR B 2 10.00 -16.67 -17.27
CA THR B 2 8.58 -16.64 -17.57
C THR B 2 7.99 -15.31 -17.11
N VAL B 3 7.28 -14.66 -18.02
CA VAL B 3 6.48 -13.49 -17.71
C VAL B 3 5.12 -13.96 -17.24
N LEU B 4 4.63 -13.37 -16.14
CA LEU B 4 3.32 -13.68 -15.56
C LEU B 4 2.43 -12.47 -15.74
N ILE B 5 1.30 -12.65 -16.40
CA ILE B 5 0.43 -11.56 -16.75
C ILE B 5 -0.87 -11.76 -15.99
N LEU B 6 -1.22 -10.79 -15.20
CA LEU B 6 -2.38 -10.85 -14.31
C LEU B 6 -3.45 -9.97 -14.89
N THR B 7 -4.43 -10.57 -15.54
CA THR B 7 -5.47 -9.75 -16.15
C THR B 7 -6.76 -10.52 -16.35
N SER B 8 -7.81 -9.76 -16.65
CA SER B 8 -9.07 -10.41 -16.97
C SER B 8 -8.98 -10.99 -18.38
N GLU B 9 -9.87 -11.95 -18.62
CA GLU B 9 -9.96 -12.56 -19.94
C GLU B 9 -10.42 -11.54 -20.99
N GLU B 10 -11.27 -10.58 -20.59
CA GLU B 10 -11.75 -9.60 -21.56
C GLU B 10 -10.71 -8.56 -21.92
N ASP B 11 -9.54 -8.61 -21.30
CA ASP B 11 -8.51 -7.62 -21.64
C ASP B 11 -7.92 -7.96 -23.00
N VAL B 12 -8.01 -7.04 -23.93
CA VAL B 12 -7.53 -7.27 -25.29
C VAL B 12 -6.23 -6.54 -25.58
N THR B 13 -5.80 -5.58 -24.74
CA THR B 13 -4.54 -4.90 -24.97
C THR B 13 -3.35 -5.78 -24.58
N ALA B 14 -3.56 -6.72 -23.67
CA ALA B 14 -2.47 -7.62 -23.29
C ALA B 14 -2.08 -8.54 -24.45
N ASP B 15 -3.06 -8.97 -25.25
CA ASP B 15 -2.79 -9.92 -26.34
C ASP B 15 -1.59 -9.50 -27.19
N MET B 16 -1.48 -8.20 -27.45
CA MET B 16 -0.40 -7.70 -28.29
C MET B 16 0.94 -7.88 -27.60
N VAL B 17 0.99 -7.67 -26.28
CA VAL B 17 2.24 -7.81 -25.58
C VAL B 17 2.63 -9.27 -25.49
N VAL B 18 1.63 -10.15 -25.30
CA VAL B 18 1.94 -11.57 -25.19
C VAL B 18 2.42 -12.12 -26.54
N VAL B 19 1.93 -11.55 -27.62
CA VAL B 19 2.38 -11.99 -28.94
C VAL B 19 3.86 -11.64 -29.17
N HIS B 20 4.27 -10.44 -28.77
CA HIS B 20 5.68 -10.10 -28.89
C HIS B 20 6.54 -10.93 -27.95
N LEU B 21 6.05 -11.20 -26.76
CA LEU B 21 6.81 -12.04 -25.83
C LEU B 21 7.06 -13.43 -26.39
N ASN B 22 6.04 -14.05 -26.98
CA ASN B 22 6.23 -15.41 -27.51
C ASN B 22 7.08 -15.39 -28.77
N ALA B 23 6.93 -14.37 -29.63
CA ALA B 23 7.81 -14.27 -30.79
C ALA B 23 9.27 -14.17 -30.37
N SER B 24 9.52 -13.60 -29.23
CA SER B 24 10.88 -13.52 -28.75
C SER B 24 11.32 -14.77 -28.02
N GLY B 25 10.46 -15.77 -27.91
CA GLY B 25 10.85 -16.98 -27.19
C GLY B 25 10.83 -16.90 -25.69
N VAL B 26 10.18 -15.89 -25.13
CA VAL B 26 9.84 -15.81 -23.71
C VAL B 26 8.54 -16.57 -23.44
N PRO B 27 8.57 -17.49 -22.48
CA PRO B 27 7.34 -18.20 -22.12
C PRO B 27 6.45 -17.30 -21.28
N VAL B 28 5.15 -17.46 -21.45
CA VAL B 28 4.22 -16.51 -20.87
C VAL B 28 3.06 -17.26 -20.23
N VAL B 29 2.70 -16.84 -19.03
CA VAL B 29 1.52 -17.32 -18.34
C VAL B 29 0.54 -16.17 -18.12
N ARG B 30 -0.69 -16.33 -18.60
CA ARG B 30 -1.72 -15.31 -18.53
C ARG B 30 -2.91 -15.86 -17.75
N LEU B 31 -3.21 -15.23 -16.61
CA LEU B 31 -4.36 -15.69 -15.85
C LEU B 31 -5.04 -14.54 -15.11
N ASP B 32 -6.31 -14.74 -14.78
CA ASP B 32 -7.08 -13.76 -14.02
C ASP B 32 -7.02 -14.22 -12.58
N PRO B 33 -6.51 -13.42 -11.62
CA PRO B 33 -6.56 -13.85 -10.22
C PRO B 33 -7.98 -14.13 -9.78
N ALA B 34 -8.97 -13.69 -10.55
CA ALA B 34 -10.36 -13.99 -10.23
C ALA B 34 -10.70 -15.46 -10.37
N ASP B 35 -9.85 -16.26 -11.03
CA ASP B 35 -10.12 -17.67 -11.25
C ASP B 35 -9.46 -18.53 -10.19
N LEU B 36 -8.99 -17.93 -9.09
CA LEU B 36 -8.39 -18.69 -7.98
C LEU B 36 -9.39 -19.60 -7.29
N THR B 37 -8.94 -20.81 -6.97
CA THR B 37 -9.75 -21.89 -6.43
C THR B 37 -10.67 -22.47 -7.49
N ASP B 38 -10.51 -22.08 -8.75
CA ASP B 38 -11.21 -22.65 -9.90
C ASP B 38 -10.17 -23.02 -10.96
N SER B 39 -9.94 -22.16 -11.93
CA SER B 39 -8.94 -22.45 -12.94
C SER B 39 -7.50 -22.41 -12.41
N VAL B 40 -7.26 -21.69 -11.30
CA VAL B 40 -5.91 -21.37 -10.85
C VAL B 40 -5.70 -21.96 -9.46
N ALA B 41 -4.49 -22.49 -9.22
CA ALA B 41 -4.06 -22.95 -7.90
C ALA B 41 -2.65 -22.43 -7.60
N LEU B 42 -2.15 -22.72 -6.40
CA LEU B 42 -0.79 -22.36 -6.04
C LEU B 42 -0.34 -23.10 -4.77
N SER B 43 0.96 -23.21 -4.61
CA SER B 43 1.55 -23.80 -3.42
C SER B 43 2.78 -22.98 -3.08
N GLY B 44 3.04 -22.82 -1.78
CA GLY B 44 4.24 -22.15 -1.34
C GLY B 44 4.68 -22.72 -0.02
N GLU B 45 5.90 -23.23 0.03
CA GLU B 45 6.49 -23.78 1.24
C GLU B 45 7.67 -22.89 1.62
N PHE B 46 7.64 -22.33 2.84
CA PHE B 46 8.81 -21.70 3.44
C PHE B 46 9.39 -22.66 4.47
N ALA B 47 10.56 -23.22 4.18
CA ALA B 47 11.17 -24.11 5.16
C ALA B 47 12.68 -24.09 5.03
N HIS B 48 13.35 -24.21 6.17
CA HIS B 48 14.81 -24.27 6.22
C HIS B 48 15.40 -23.01 5.57
N GLY B 49 14.75 -21.86 5.84
CA GLY B 49 15.18 -20.56 5.35
C GLY B 49 14.88 -20.28 3.90
N SER B 50 14.48 -21.27 3.11
CA SER B 50 14.24 -21.13 1.71
C SER B 50 12.75 -20.92 1.45
N PHE B 51 12.40 -20.72 0.18
CA PHE B 51 11.01 -20.74 -0.23
C PHE B 51 10.89 -21.40 -1.58
N ARG B 52 9.95 -22.29 -1.74
CA ARG B 52 9.68 -22.95 -3.00
C ARG B 52 8.20 -22.75 -3.25
N GLY B 53 7.81 -22.64 -4.52
CA GLY B 53 6.42 -22.36 -4.80
C GLY B 53 6.09 -22.35 -6.28
N HIS B 54 4.86 -22.77 -6.60
CA HIS B 54 4.43 -22.96 -7.98
C HIS B 54 3.05 -22.34 -8.14
N LEU B 55 2.76 -21.88 -9.37
CA LEU B 55 1.40 -21.60 -9.77
C LEU B 55 0.93 -22.59 -10.81
N SER B 56 -0.38 -22.72 -10.94
CA SER B 56 -0.99 -23.62 -11.90
C SER B 56 -2.23 -22.94 -12.47
N SER B 57 -2.34 -22.98 -13.81
CA SER B 57 -3.51 -22.48 -14.54
C SER B 57 -3.80 -23.39 -15.73
N GLY B 58 -5.03 -23.88 -15.80
CA GLY B 58 -5.39 -24.90 -16.77
C GLY B 58 -4.53 -26.14 -16.73
N GLY B 59 -3.78 -26.34 -15.66
CA GLY B 59 -2.93 -27.49 -15.51
C GLY B 59 -1.44 -27.20 -15.66
N ARG B 60 -1.09 -26.18 -16.47
CA ARG B 60 0.31 -25.81 -16.65
C ARG B 60 0.89 -25.17 -15.39
N LEU B 61 2.00 -25.72 -14.88
CA LEU B 61 2.65 -25.23 -13.67
C LEU B 61 3.86 -24.38 -13.99
N VAL B 62 4.16 -23.44 -13.11
CA VAL B 62 5.26 -22.52 -13.35
C VAL B 62 5.87 -22.20 -12.00
N SER B 63 7.19 -22.40 -11.90
CA SER B 63 7.92 -22.05 -10.70
C SER B 63 7.70 -20.57 -10.37
N ILE B 64 7.36 -20.30 -9.11
CA ILE B 64 7.20 -18.90 -8.71
C ILE B 64 8.54 -18.18 -8.68
N GLY B 65 9.61 -18.91 -8.33
CA GLY B 65 10.95 -18.38 -8.42
C GLY B 65 11.40 -18.18 -9.84
N GLY B 66 10.72 -18.80 -10.79
CA GLY B 66 11.09 -18.63 -12.18
C GLY B 66 10.51 -17.42 -12.86
N LEU B 67 9.63 -16.70 -12.20
CA LEU B 67 9.05 -15.52 -12.83
C LEU B 67 10.12 -14.43 -12.94
N ARG B 68 10.34 -13.94 -14.14
CA ARG B 68 11.20 -12.79 -14.32
C ARG B 68 10.41 -11.50 -14.27
N SER B 69 9.10 -11.56 -14.50
CA SER B 69 8.29 -10.37 -14.57
C SER B 69 6.89 -10.74 -14.18
N VAL B 70 6.26 -9.87 -13.39
CA VAL B 70 4.81 -9.84 -13.20
C VAL B 70 4.31 -8.54 -13.79
N TRP B 71 3.48 -8.62 -14.84
CA TRP B 71 2.75 -7.48 -15.38
C TRP B 71 1.35 -7.49 -14.75
N VAL B 72 0.96 -6.40 -14.12
CA VAL B 72 -0.37 -6.33 -13.50
C VAL B 72 -1.16 -5.30 -14.30
N ARG B 73 -2.26 -5.74 -14.89
CA ARG B 73 -3.03 -4.92 -15.81
C ARG B 73 -4.48 -5.41 -15.69
N ARG B 74 -5.29 -4.67 -14.97
CA ARG B 74 -6.73 -5.02 -14.99
C ARG B 74 -7.13 -6.38 -14.42
N PRO B 75 -6.44 -6.87 -13.39
CA PRO B 75 -6.82 -8.17 -12.80
C PRO B 75 -8.14 -8.10 -12.04
N GLY B 76 -8.91 -9.17 -12.10
CA GLY B 76 -10.06 -9.30 -11.22
C GLY B 76 -9.65 -9.55 -9.78
N GLY B 77 -10.55 -9.21 -8.85
CA GLY B 77 -10.28 -9.44 -7.44
C GLY B 77 -10.18 -10.93 -7.16
N ALA B 78 -9.30 -11.30 -6.23
CA ALA B 78 -8.89 -12.69 -6.12
C ALA B 78 -10.08 -13.62 -5.85
N ALA B 79 -10.11 -14.75 -6.58
CA ALA B 79 -11.14 -15.80 -6.44
C ALA B 79 -12.57 -15.22 -6.49
N THR B 80 -12.73 -13.99 -7.01
CA THR B 80 -14.05 -13.39 -7.12
C THR B 80 -14.95 -14.09 -8.11
N ARG B 81 -14.38 -14.99 -8.92
CA ARG B 81 -15.11 -15.87 -9.83
C ARG B 81 -15.05 -17.31 -9.31
N ALA B 82 -14.94 -17.48 -8.00
CA ALA B 82 -14.99 -18.80 -7.37
C ALA B 82 -16.43 -19.33 -7.30
N ALA B 83 -16.54 -20.61 -6.97
CA ALA B 83 -17.87 -21.24 -6.91
C ALA B 83 -18.75 -20.58 -5.87
N GLU B 84 -18.18 -20.31 -4.69
CA GLU B 84 -18.83 -19.57 -3.61
C GLU B 84 -17.94 -18.39 -3.27
N PRO B 85 -18.06 -17.30 -4.02
CA PRO B 85 -17.26 -16.11 -3.71
C PRO B 85 -17.54 -15.62 -2.30
N SER B 86 -16.52 -15.01 -1.70
CA SER B 86 -16.60 -14.52 -0.33
C SER B 86 -15.49 -13.50 -0.14
N ALA B 87 -15.81 -12.38 0.50
CA ALA B 87 -14.76 -11.42 0.77
C ALA B 87 -13.64 -12.04 1.60
N TRP B 88 -13.97 -12.96 2.50
CA TRP B 88 -12.93 -13.75 3.12
C TRP B 88 -12.14 -14.52 2.06
N LEU B 89 -12.82 -15.27 1.20
CA LEU B 89 -12.10 -16.02 0.17
C LEU B 89 -11.21 -15.09 -0.64
N THR B 90 -11.72 -13.88 -0.96
CA THR B 90 -10.98 -12.94 -1.78
C THR B 90 -9.76 -12.44 -1.03
N GLU B 91 -9.86 -12.31 0.31
CA GLU B 91 -8.74 -11.77 1.08
C GLU B 91 -7.66 -12.83 1.26
N GLU B 92 -8.07 -14.04 1.60
CA GLU B 92 -7.08 -15.09 1.78
C GLU B 92 -6.37 -15.38 0.49
N ALA B 93 -7.11 -15.30 -0.62
CA ALA B 93 -6.55 -15.57 -1.93
C ALA B 93 -5.62 -14.43 -2.36
N GLY B 94 -6.08 -13.20 -2.23
CA GLY B 94 -5.20 -12.09 -2.53
C GLY B 94 -3.88 -12.17 -1.77
N GLN B 95 -3.95 -12.53 -0.48
CA GLN B 95 -2.74 -12.63 0.32
C GLN B 95 -1.87 -13.79 -0.15
N ALA B 96 -2.44 -14.98 -0.26
CA ALA B 96 -1.67 -16.09 -0.81
C ALA B 96 -0.93 -15.66 -2.08
N LEU B 97 -1.64 -15.02 -3.02
CA LEU B 97 -1.05 -14.71 -4.31
C LEU B 97 -0.14 -13.47 -4.26
N TYR B 98 -0.67 -12.33 -3.94
CA TYR B 98 0.17 -11.15 -4.04
C TYR B 98 1.23 -11.08 -2.95
N GLY B 99 1.14 -11.94 -1.94
CA GLY B 99 2.13 -11.93 -0.87
C GLY B 99 3.27 -12.89 -1.20
N MET B 100 2.93 -14.06 -1.75
CA MET B 100 3.99 -14.95 -2.23
C MET B 100 4.67 -14.44 -3.52
N LEU B 101 4.07 -13.50 -4.24
CA LEU B 101 4.75 -12.96 -5.40
C LEU B 101 5.73 -11.89 -4.95
N ARG B 102 5.31 -11.09 -3.96
CA ARG B 102 6.16 -10.10 -3.33
C ARG B 102 7.39 -10.78 -2.74
N GLY B 103 8.56 -10.37 -3.18
CA GLY B 103 9.77 -11.09 -2.85
C GLY B 103 10.09 -12.28 -3.72
N SER B 104 9.31 -12.53 -4.77
CA SER B 104 9.60 -13.64 -5.65
C SER B 104 10.92 -13.48 -6.37
N GLY B 105 11.36 -12.24 -6.56
CA GLY B 105 12.46 -11.93 -7.46
C GLY B 105 12.05 -11.46 -8.84
N ALA B 106 10.78 -11.51 -9.17
CA ALA B 106 10.31 -11.02 -10.43
C ALA B 106 10.32 -9.49 -10.44
N ARG B 107 10.35 -8.91 -11.63
CA ARG B 107 10.15 -7.47 -11.79
C ARG B 107 8.66 -7.21 -12.00
N TRP B 108 8.12 -6.25 -11.29
CA TRP B 108 6.72 -5.87 -11.36
C TRP B 108 6.53 -4.69 -12.32
N MET B 109 5.61 -4.86 -13.30
CA MET B 109 5.10 -3.74 -14.07
C MET B 109 4.04 -3.12 -13.20
N ASN B 110 4.51 -2.13 -12.41
CA ASN B 110 3.92 -1.44 -11.28
C ASN B 110 3.84 -2.42 -10.16
N GLN B 111 4.85 -2.32 -9.32
CA GLN B 111 4.90 -3.00 -8.06
C GLN B 111 3.70 -2.57 -7.22
N PRO B 112 2.97 -3.51 -6.60
CA PRO B 112 1.69 -3.16 -5.97
C PRO B 112 1.75 -2.02 -5.00
N ASP B 113 2.89 -1.79 -4.36
CA ASP B 113 3.01 -0.83 -3.25
C ASP B 113 3.32 0.56 -3.75
N ALA B 114 4.27 0.67 -4.67
CA ALA B 114 4.34 1.85 -5.53
C ALA B 114 2.98 2.20 -6.10
N ALA B 115 2.36 1.22 -6.76
CA ALA B 115 1.05 1.43 -7.36
C ALA B 115 0.02 1.96 -6.35
N HIS B 116 -0.04 1.36 -5.16
CA HIS B 116 -0.92 1.88 -4.09
C HIS B 116 -0.67 3.38 -3.85
N ARG B 117 0.55 3.73 -3.47
CA ARG B 117 0.91 5.14 -3.27
C ARG B 117 0.59 6.03 -4.47
N ALA B 118 0.60 5.47 -5.68
CA ALA B 118 0.55 6.32 -6.86
C ALA B 118 -0.87 6.72 -7.22
N ARG B 119 -1.88 6.03 -6.69
CA ARG B 119 -3.25 6.42 -7.00
C ARG B 119 -3.66 7.72 -6.30
N TYR B 120 -2.82 8.28 -5.40
CA TYR B 120 -3.17 9.48 -4.66
C TYR B 120 -2.76 10.73 -5.45
N LYS B 121 -3.74 11.34 -6.14
CA LYS B 121 -3.44 12.47 -6.99
C LYS B 121 -2.82 13.65 -6.27
N PRO B 122 -3.22 14.00 -5.03
CA PRO B 122 -2.52 15.11 -4.35
C PRO B 122 -1.06 14.82 -4.14
N TRP B 123 -0.69 13.54 -3.99
CA TRP B 123 0.72 13.17 -3.96
C TRP B 123 1.34 13.42 -5.33
N GLN B 124 0.66 12.95 -6.39
CA GLN B 124 1.16 13.13 -7.77
C GLN B 124 1.55 14.58 -8.07
N LEU B 125 0.76 15.53 -7.60
CA LEU B 125 1.04 16.93 -7.91
C LEU B 125 2.29 17.38 -7.18
N ARG B 126 2.37 17.09 -5.87
CA ARG B 126 3.55 17.48 -5.13
C ARG B 126 4.79 16.85 -5.75
N LEU B 127 4.66 15.61 -6.21
CA LEU B 127 5.78 14.94 -6.84
C LEU B 127 6.13 15.59 -8.18
N ALA B 128 5.12 15.96 -8.96
CA ALA B 128 5.40 16.61 -10.24
C ALA B 128 6.15 17.92 -10.03
N GLN B 129 5.72 18.71 -9.04
CA GLN B 129 6.45 19.93 -8.72
C GLN B 129 7.89 19.58 -8.36
N ARG B 130 8.08 18.65 -7.42
CA ARG B 130 9.43 18.29 -7.02
C ARG B 130 10.22 17.86 -8.27
N CYS B 131 9.55 17.41 -9.32
CA CYS B 131 10.31 16.90 -10.46
C CYS B 131 10.59 17.92 -11.55
N GLY B 132 10.01 19.12 -11.49
CA GLY B 132 10.20 20.11 -12.52
C GLY B 132 9.09 20.22 -13.55
N LEU B 133 8.09 19.41 -13.46
CA LEU B 133 6.97 19.52 -14.39
C LEU B 133 6.07 20.68 -14.00
N PRO B 134 5.74 21.58 -14.93
CA PRO B 134 4.74 22.63 -14.64
C PRO B 134 3.42 22.01 -14.21
N VAL B 135 2.88 22.49 -13.09
CA VAL B 135 1.52 22.09 -12.70
C VAL B 135 0.73 23.39 -12.61
N PRO B 136 -0.54 23.39 -12.99
CA PRO B 136 -1.34 24.60 -12.87
C PRO B 136 -1.60 24.87 -11.41
N ALA B 137 -1.70 26.15 -11.08
CA ALA B 137 -2.04 26.47 -9.70
C ALA B 137 -3.25 25.64 -9.25
N THR B 138 -3.15 25.07 -8.06
CA THR B 138 -4.21 24.21 -7.55
C THR B 138 -4.49 24.37 -6.07
N LEU B 139 -5.75 24.41 -5.73
CA LEU B 139 -6.17 24.46 -4.33
C LEU B 139 -7.10 23.29 -4.14
N ILE B 140 -6.91 22.51 -3.08
CA ILE B 140 -7.98 21.63 -2.65
C ILE B 140 -8.31 21.94 -1.20
N THR B 141 -9.59 22.17 -0.94
CA THR B 141 -9.94 22.85 0.31
C THR B 141 -11.34 22.53 0.78
N THR B 142 -11.60 22.97 2.00
CA THR B 142 -12.90 22.90 2.68
C THR B 142 -13.23 24.22 3.35
N PHE B 143 -12.35 25.23 3.24
CA PHE B 143 -12.68 26.60 3.61
C PHE B 143 -13.25 27.36 2.41
N PRO B 144 -14.53 27.71 2.41
CA PRO B 144 -15.03 28.63 1.38
C PRO B 144 -14.17 29.86 1.22
N ARG B 145 -13.64 30.37 2.34
CA ARG B 145 -12.84 31.58 2.28
C ARG B 145 -11.58 31.35 1.45
N ALA B 146 -10.86 30.24 1.71
CA ALA B 146 -9.67 29.94 0.91
C ALA B 146 -10.03 29.78 -0.55
N ALA B 147 -11.17 29.15 -0.84
CA ALA B 147 -11.61 29.03 -2.22
C ALA B 147 -11.84 30.39 -2.84
N ARG B 148 -12.49 31.31 -2.11
CA ARG B 148 -12.85 32.60 -2.67
C ARG B 148 -11.61 33.42 -3.02
N GLU B 149 -10.59 33.39 -2.16
CA GLU B 149 -9.36 34.15 -2.38
C GLU B 149 -8.50 33.51 -3.46
N PHE B 150 -8.55 32.18 -3.59
CA PHE B 150 -7.89 31.52 -4.70
C PHE B 150 -8.54 31.92 -6.01
N ALA B 151 -9.87 32.08 -6.02
CA ALA B 151 -10.57 32.53 -7.21
C ALA B 151 -10.30 34.00 -7.53
N GLU B 152 -9.98 34.82 -6.52
CA GLU B 152 -9.54 36.19 -6.81
C GLU B 152 -8.27 36.17 -7.66
N ARG B 153 -7.25 35.43 -7.21
CA ARG B 153 -6.00 35.32 -7.95
C ARG B 153 -6.19 34.67 -9.34
N TYR B 154 -7.05 33.66 -9.45
CA TYR B 154 -7.29 32.93 -10.70
C TYR B 154 -8.80 32.90 -10.97
N PRO B 155 -9.33 33.96 -11.56
CA PRO B 155 -10.80 34.02 -11.71
C PRO B 155 -11.36 33.00 -12.69
N ASP B 156 -10.51 32.47 -13.57
CA ASP B 156 -10.93 31.53 -14.61
C ASP B 156 -10.46 30.14 -14.18
N LEU B 157 -11.33 29.44 -13.48
CA LEU B 157 -10.93 28.20 -12.84
C LEU B 157 -11.59 27.01 -13.52
N VAL B 158 -11.27 25.84 -12.99
CA VAL B 158 -11.76 24.55 -13.46
C VAL B 158 -11.93 23.72 -12.20
N VAL B 159 -12.95 22.88 -12.20
CA VAL B 159 -13.25 22.02 -11.06
C VAL B 159 -13.03 20.58 -11.50
N LYS B 160 -12.26 19.84 -10.72
CA LYS B 160 -11.94 18.45 -11.01
C LYS B 160 -12.14 17.71 -9.70
N PRO B 161 -12.35 16.40 -9.77
CA PRO B 161 -12.31 15.56 -8.57
C PRO B 161 -10.93 15.53 -7.94
N VAL B 162 -10.91 15.02 -6.70
CA VAL B 162 -9.64 14.83 -6.00
C VAL B 162 -9.04 13.44 -6.22
N SER B 163 -9.87 12.40 -6.44
CA SER B 163 -9.37 11.03 -6.39
C SER B 163 -8.71 10.56 -7.69
N GLY B 164 -7.79 9.58 -7.54
CA GLY B 164 -7.25 8.74 -8.60
C GLY B 164 -7.37 7.24 -8.30
N THR B 176 -13.14 13.92 -16.70
CA THR B 176 -14.11 14.60 -15.85
C THR B 176 -13.63 16.02 -15.54
N SER B 177 -14.55 17.00 -15.53
CA SER B 177 -14.17 18.39 -15.27
C SER B 177 -15.37 19.33 -15.42
N ARG B 178 -15.15 20.64 -15.20
CA ARG B 178 -16.19 21.67 -15.28
C ARG B 178 -15.55 23.04 -15.07
N VAL B 179 -16.25 24.15 -15.16
CA VAL B 179 -15.70 25.50 -15.01
C VAL B 179 -16.51 26.23 -13.98
N PRO B 180 -15.88 26.89 -13.00
CA PRO B 180 -16.63 27.79 -12.10
C PRO B 180 -16.72 29.19 -12.67
N PRO B 181 -17.90 29.82 -12.60
CA PRO B 181 -18.01 31.24 -12.98
C PRO B 181 -17.95 32.07 -11.71
N GLU B 182 -18.80 33.08 -11.56
CA GLU B 182 -18.87 33.83 -10.30
C GLU B 182 -19.65 33.04 -9.25
N ALA B 183 -19.05 32.80 -8.08
CA ALA B 183 -19.60 31.84 -7.14
C ALA B 183 -19.24 32.21 -5.70
N ASP B 184 -19.87 31.48 -4.76
CA ASP B 184 -19.67 31.69 -3.32
C ASP B 184 -18.71 30.71 -2.68
N PHE B 185 -18.53 29.52 -3.29
CA PHE B 185 -17.68 28.45 -2.79
C PHE B 185 -18.12 27.98 -1.42
N SER B 186 -19.40 28.20 -1.09
CA SER B 186 -19.88 27.88 0.25
C SER B 186 -19.99 26.37 0.44
N ALA B 187 -20.33 25.64 -0.61
CA ALA B 187 -20.49 24.20 -0.51
C ALA B 187 -19.18 23.46 -0.37
N VAL B 188 -18.04 24.16 -0.36
CA VAL B 188 -16.77 23.48 -0.17
C VAL B 188 -16.59 23.04 1.28
N ALA B 189 -17.30 23.69 2.21
CA ALA B 189 -17.25 23.28 3.61
C ALA B 189 -17.74 21.84 3.80
N HIS B 190 -18.58 21.36 2.89
CA HIS B 190 -19.27 20.08 3.04
C HIS B 190 -18.58 18.97 2.28
N GLY B 191 -17.47 19.25 1.65
CA GLY B 191 -16.77 18.25 0.88
C GLY B 191 -15.50 18.81 0.29
N PRO B 192 -14.38 18.13 0.54
CA PRO B 192 -13.10 18.64 0.04
C PRO B 192 -13.15 18.67 -1.48
N THR B 193 -12.87 19.84 -2.06
CA THR B 193 -12.93 19.96 -3.50
C THR B 193 -11.69 20.61 -4.09
N LEU B 194 -11.48 20.35 -5.38
CA LEU B 194 -10.25 20.70 -6.07
C LEU B 194 -10.50 21.78 -7.11
N LEU B 195 -9.95 22.96 -6.87
CA LEU B 195 -9.95 24.03 -7.84
C LEU B 195 -8.58 24.13 -8.49
N GLN B 196 -8.56 24.31 -9.79
CA GLN B 196 -7.32 24.36 -10.56
C GLN B 196 -7.47 25.44 -11.63
N ARG B 197 -6.44 26.28 -11.77
CA ARG B 197 -6.43 27.28 -12.82
C ARG B 197 -6.58 26.59 -14.17
N ARG B 198 -7.38 27.17 -15.04
CA ARG B 198 -7.60 26.58 -16.36
C ARG B 198 -6.43 26.86 -17.28
N VAL B 199 -6.18 25.94 -18.18
CA VAL B 199 -5.08 26.03 -19.11
C VAL B 199 -5.69 26.38 -20.46
N ALA B 200 -5.10 27.38 -21.16
CA ALA B 200 -5.45 27.75 -22.55
C ALA B 200 -5.01 26.61 -23.47
N LYS B 201 -5.83 25.57 -23.51
CA LYS B 201 -5.42 24.29 -24.05
C LYS B 201 -5.49 24.36 -25.56
N ARG B 202 -4.52 23.75 -26.21
CA ARG B 202 -4.53 23.69 -27.66
C ARG B 202 -4.35 22.29 -28.17
N ALA B 203 -3.73 21.42 -27.41
CA ALA B 203 -3.67 20.01 -27.69
C ALA B 203 -3.89 19.26 -26.37
N ASP B 204 -4.24 17.99 -26.47
CA ASP B 204 -4.10 17.06 -25.37
C ASP B 204 -2.87 16.20 -25.64
N ILE B 205 -2.07 15.96 -24.59
CA ILE B 205 -0.92 15.07 -24.68
C ILE B 205 -1.22 13.84 -23.84
N ARG B 206 -0.77 12.68 -24.34
CA ARG B 206 -0.88 11.42 -23.62
C ARG B 206 0.49 10.76 -23.72
N LEU B 207 1.29 10.92 -22.64
CA LEU B 207 2.63 10.37 -22.56
C LEU B 207 2.51 8.98 -21.93
N THR B 208 2.93 7.95 -22.65
CA THR B 208 2.96 6.60 -22.11
C THR B 208 4.43 6.32 -21.87
N ALA B 209 4.78 6.02 -20.63
CA ALA B 209 6.13 5.72 -20.22
C ALA B 209 6.28 4.23 -19.98
N VAL B 210 7.36 3.64 -20.50
CA VAL B 210 7.60 2.22 -20.29
C VAL B 210 9.06 2.06 -19.95
N GLY B 211 9.37 2.11 -18.68
CA GLY B 211 10.76 2.13 -18.31
C GLY B 211 11.25 3.52 -18.44
N GLU B 212 12.37 3.70 -19.13
CA GLU B 212 12.88 5.03 -19.43
C GLU B 212 12.42 5.46 -20.80
N GLU B 213 11.52 4.70 -21.40
CA GLU B 213 11.03 4.96 -22.74
C GLU B 213 9.77 5.82 -22.67
N LEU B 214 9.70 6.83 -23.53
CA LEU B 214 8.61 7.79 -23.49
C LEU B 214 7.99 7.89 -24.88
N LEU B 215 6.71 7.54 -24.98
CA LEU B 215 6.02 7.45 -26.26
C LEU B 215 4.78 8.34 -26.10
N ALA B 216 4.87 9.53 -26.63
CA ALA B 216 3.85 10.53 -26.43
C ALA B 216 3.05 10.71 -27.70
N ALA B 217 1.83 11.20 -27.52
CA ALA B 217 0.84 11.34 -28.59
C ALA B 217 0.02 12.61 -28.36
N ARG B 218 -0.59 13.10 -29.43
CA ARG B 218 -1.20 14.42 -29.45
C ARG B 218 -2.53 14.38 -30.19
N LYS B 219 -3.59 14.91 -29.54
CA LYS B 219 -4.89 15.13 -30.14
C LYS B 219 -5.21 16.62 -30.05
N THR B 220 -5.86 17.16 -31.07
CA THR B 220 -6.02 18.60 -31.17
C THR B 220 -7.29 19.05 -30.50
N ALA B 221 -7.24 20.27 -29.97
CA ALA B 221 -8.20 20.78 -29.01
C ALA B 221 -8.74 22.11 -29.50
N LEU B 222 -9.55 22.08 -30.58
CA LEU B 222 -10.07 23.33 -31.18
C LEU B 222 -11.37 23.14 -31.99
N GLU B 239 -11.22 13.49 -34.42
CA GLU B 239 -9.78 13.69 -34.60
C GLU B 239 -9.01 12.53 -34.03
N PRO B 240 -7.83 12.25 -34.58
CA PRO B 240 -7.04 11.12 -34.08
C PRO B 240 -5.74 11.47 -33.38
N TRP B 241 -5.28 10.54 -32.54
CA TRP B 241 -3.98 10.63 -31.88
C TRP B 241 -2.88 10.60 -32.93
N ARG B 242 -1.79 11.29 -32.63
CA ARG B 242 -0.70 11.42 -33.57
C ARG B 242 0.60 11.48 -32.79
N PRO B 243 1.69 11.02 -33.36
CA PRO B 243 2.90 10.85 -32.55
C PRO B 243 3.53 12.17 -32.21
N ALA B 244 3.94 12.33 -30.96
CA ALA B 244 4.42 13.62 -30.46
C ALA B 244 5.80 13.47 -29.87
N GLU B 245 6.79 14.16 -30.44
CA GLU B 245 8.08 14.26 -29.76
C GLU B 245 7.88 14.83 -28.36
N VAL B 246 8.75 14.45 -27.44
CA VAL B 246 8.65 14.86 -26.04
C VAL B 246 9.69 15.94 -25.82
N PRO B 247 9.31 17.16 -25.46
CA PRO B 247 10.33 18.23 -25.24
C PRO B 247 11.35 17.82 -24.18
N PRO B 248 12.59 18.16 -24.41
CA PRO B 248 13.66 17.58 -23.57
C PRO B 248 13.47 17.79 -22.07
N ARG B 249 13.00 18.95 -21.63
CA ARG B 249 12.83 19.16 -20.19
C ARG B 249 11.70 18.26 -19.66
N VAL B 250 10.60 18.10 -20.40
CA VAL B 250 9.55 17.22 -19.91
C VAL B 250 10.06 15.80 -19.81
N ALA B 251 10.81 15.36 -20.81
CA ALA B 251 11.36 14.03 -20.73
C ALA B 251 12.11 13.86 -19.42
N GLU B 252 12.99 14.82 -19.09
CA GLU B 252 13.76 14.79 -17.83
C GLU B 252 12.83 14.68 -16.60
N GLY B 253 11.86 15.58 -16.49
CA GLY B 253 10.90 15.51 -15.40
C GLY B 253 10.16 14.19 -15.33
N VAL B 254 9.76 13.64 -16.47
CA VAL B 254 8.98 12.41 -16.43
C VAL B 254 9.83 11.23 -16.00
N ARG B 255 11.13 11.33 -16.18
CA ARG B 255 11.93 10.18 -15.78
C ARG B 255 12.23 10.24 -14.30
N ALA B 256 12.50 11.45 -13.80
CA ALA B 256 12.62 11.64 -12.36
C ALA B 256 11.35 11.19 -11.65
N TYR B 257 10.20 11.52 -12.21
CA TYR B 257 8.94 11.17 -11.61
C TYR B 257 8.73 9.67 -11.63
N LEU B 258 8.83 9.05 -12.81
CA LEU B 258 8.72 7.60 -12.89
C LEU B 258 9.67 6.95 -11.89
N ARG B 259 10.90 7.46 -11.82
CA ARG B 259 11.94 6.88 -10.98
C ARG B 259 11.63 7.07 -9.51
N ALA B 260 11.09 8.22 -9.14
CA ALA B 260 10.77 8.43 -7.73
C ALA B 260 9.54 7.65 -7.30
N ALA B 261 8.50 7.63 -8.12
CA ALA B 261 7.37 6.77 -7.81
C ALA B 261 7.73 5.30 -7.90
N GLY B 262 8.92 4.97 -8.40
CA GLY B 262 9.21 3.57 -8.64
C GLY B 262 8.13 2.91 -9.46
N LEU B 263 7.76 3.53 -10.59
CA LEU B 263 6.79 2.99 -11.54
C LEU B 263 7.46 2.62 -12.86
N ALA B 264 7.16 1.42 -13.34
CA ALA B 264 7.70 0.99 -14.61
C ALA B 264 6.81 1.40 -15.77
N TYR B 265 5.55 1.63 -15.49
CA TYR B 265 4.63 2.02 -16.55
C TYR B 265 3.82 3.19 -16.00
N GLY B 266 3.67 4.24 -16.80
CA GLY B 266 2.75 5.32 -16.48
C GLY B 266 2.14 5.89 -17.74
N ALA B 267 0.88 6.30 -17.58
CA ALA B 267 0.12 6.97 -18.63
C ALA B 267 -0.21 8.36 -18.12
N LEU B 268 0.61 9.34 -18.53
CA LEU B 268 0.46 10.69 -18.00
C LEU B 268 -0.32 11.56 -18.98
N ASP B 269 -0.97 12.58 -18.42
CA ASP B 269 -1.82 13.51 -19.15
C ASP B 269 -1.24 14.91 -19.05
N PHE B 270 -1.09 15.59 -20.17
CA PHE B 270 -0.74 16.98 -20.09
C PHE B 270 -1.64 17.81 -20.99
N ALA B 271 -1.69 19.10 -20.75
CA ALA B 271 -2.34 20.08 -21.64
C ALA B 271 -1.26 20.96 -22.26
N GLU B 272 -1.39 21.23 -23.55
CA GLU B 272 -0.38 21.97 -24.29
C GLU B 272 -0.82 23.40 -24.57
N ASP B 273 0.06 24.33 -24.22
CA ASP B 273 -0.04 25.78 -24.30
C ASP B 273 0.08 26.31 -25.74
N GLY B 274 -0.38 27.52 -25.92
CA GLY B 274 0.09 28.29 -27.06
C GLY B 274 1.59 28.42 -27.13
N ASP B 275 2.25 28.42 -25.95
CA ASP B 275 3.72 28.43 -25.87
C ASP B 275 4.33 27.04 -26.08
N GLY B 276 3.50 25.99 -26.06
CA GLY B 276 4.01 24.64 -26.17
C GLY B 276 4.36 24.01 -24.87
N THR B 277 4.14 24.73 -23.77
CA THR B 277 4.31 24.21 -22.43
C THR B 277 3.39 23.03 -22.17
N TRP B 278 3.94 21.98 -21.53
CA TRP B 278 3.13 20.80 -21.20
C TRP B 278 2.77 20.82 -19.72
N TRP B 279 1.48 20.95 -19.43
CA TRP B 279 0.99 21.10 -18.06
C TRP B 279 0.54 19.75 -17.52
N PHE B 280 1.25 19.26 -16.50
CA PHE B 280 0.91 18.00 -15.87
C PHE B 280 -0.49 18.07 -15.27
N LEU B 281 -1.24 17.03 -15.44
CA LEU B 281 -2.55 16.87 -14.84
C LEU B 281 -2.70 15.62 -14.02
N GLU B 282 -2.09 14.53 -14.42
CA GLU B 282 -2.44 13.23 -13.92
C GLU B 282 -1.43 12.25 -14.45
N CYS B 283 -0.91 11.41 -13.58
CA CYS B 283 -0.23 10.19 -13.97
C CYS B 283 -1.14 9.07 -13.50
N ASN B 284 -1.52 8.19 -14.41
CA ASN B 284 -2.37 7.02 -14.16
C ASN B 284 -1.49 5.77 -14.28
N GLN B 285 -1.24 5.11 -13.16
CA GLN B 285 -0.23 4.04 -13.16
C GLN B 285 -0.72 2.80 -13.91
N SER B 286 -2.02 2.71 -14.19
CA SER B 286 -2.60 1.61 -14.95
C SER B 286 -3.49 2.12 -16.08
N GLY B 287 -3.20 3.32 -16.59
CA GLY B 287 -4.01 3.89 -17.64
C GLY B 287 -3.90 3.08 -18.92
N GLN B 288 -4.99 3.06 -19.70
CA GLN B 288 -5.01 2.25 -20.90
C GLN B 288 -3.99 2.84 -21.87
N PHE B 289 -3.57 2.00 -22.81
CA PHE B 289 -2.64 2.44 -23.84
C PHE B 289 -3.03 1.95 -25.23
N GLY B 290 -3.92 0.97 -25.35
CA GLY B 290 -4.31 0.51 -26.67
C GLY B 290 -4.78 1.62 -27.60
N PHE B 291 -5.51 2.61 -27.07
CA PHE B 291 -6.14 3.56 -27.99
C PHE B 291 -5.13 4.47 -28.69
N VAL B 292 -3.91 4.57 -28.19
CA VAL B 292 -2.91 5.37 -28.88
C VAL B 292 -2.19 4.54 -29.94
N GLU B 293 -1.80 3.31 -29.59
CA GLU B 293 -1.02 2.51 -30.53
C GLU B 293 -1.82 2.21 -31.79
N VAL B 294 -3.15 2.24 -31.66
CA VAL B 294 -3.99 2.10 -32.85
C VAL B 294 -3.75 3.26 -33.81
N ASP B 295 -4.07 4.47 -33.38
CA ASP B 295 -3.95 5.62 -34.25
C ASP B 295 -2.50 5.81 -34.69
N THR B 296 -1.58 5.95 -33.73
CA THR B 296 -0.24 6.43 -34.07
C THR B 296 0.64 5.31 -34.63
N GLY B 297 0.31 4.08 -34.35
CA GLY B 297 1.23 3.02 -34.67
C GLY B 297 2.55 3.03 -33.91
N GLN B 298 2.70 3.81 -32.85
CA GLN B 298 3.88 3.65 -32.00
C GLN B 298 3.92 2.27 -31.30
N PRO B 299 5.10 1.66 -31.25
CA PRO B 299 5.24 0.37 -30.57
C PRO B 299 5.24 0.37 -29.04
N ILE B 300 4.12 0.78 -28.46
CA ILE B 300 3.99 0.69 -27.01
C ILE B 300 3.95 -0.77 -26.58
N ALA B 301 3.05 -1.56 -27.16
CA ALA B 301 2.99 -2.97 -26.77
C ALA B 301 4.36 -3.62 -26.88
N ARG B 302 5.00 -3.49 -28.04
CA ARG B 302 6.32 -4.10 -28.19
C ARG B 302 7.30 -3.55 -27.15
N THR B 303 7.18 -2.27 -26.79
CA THR B 303 8.08 -1.73 -25.77
C THR B 303 7.87 -2.37 -24.39
N ILE B 304 6.62 -2.71 -24.05
CA ILE B 304 6.35 -3.35 -22.76
C ILE B 304 6.95 -4.76 -22.77
N ALA B 305 6.62 -5.53 -23.79
CA ALA B 305 7.17 -6.87 -23.93
C ALA B 305 8.68 -6.86 -23.78
N GLU B 306 9.35 -5.93 -24.47
CA GLU B 306 10.79 -5.80 -24.29
C GLU B 306 11.11 -5.61 -22.80
N TRP B 307 10.45 -4.66 -22.15
CA TRP B 307 10.72 -4.45 -20.73
C TRP B 307 10.49 -5.72 -19.91
N LEU B 308 9.34 -6.38 -20.12
CA LEU B 308 8.99 -7.55 -19.34
C LEU B 308 9.89 -8.74 -19.62
N ALA B 309 10.57 -8.75 -20.75
CA ALA B 309 11.28 -9.96 -21.15
C ALA B 309 12.70 -10.01 -20.65
N ARG B 310 13.26 -8.87 -20.25
CA ARG B 310 14.52 -8.83 -19.52
C ARG B 310 14.51 -9.89 -18.40
N PRO B 311 15.64 -10.63 -18.17
CA PRO B 311 15.57 -11.72 -17.18
C PRO B 311 16.21 -11.47 -15.82
N GLY B 312 15.38 -11.35 -14.77
CA GLY B 312 15.80 -10.92 -13.44
C GLY B 312 17.13 -11.42 -12.89
S SO4 C . 6.01 10.19 2.70
O1 SO4 C . 6.61 11.02 1.66
O2 SO4 C . 7.09 9.43 3.38
O3 SO4 C . 5.31 11.09 3.60
O4 SO4 C . 5.06 9.28 2.06
S SO4 D . 8.95 -6.95 -4.54
O1 SO4 D . 9.80 -6.27 -5.54
O2 SO4 D . 9.78 -7.28 -3.39
O3 SO4 D . 7.80 -6.16 -4.17
O4 SO4 D . 8.49 -8.24 -5.08
#